data_8AV8
#
_entry.id   8AV8
#
_cell.length_a   81.222
_cell.length_b   111.865
_cell.length_c   59.818
_cell.angle_alpha   90.00
_cell.angle_beta   90.00
_cell.angle_gamma   90.00
#
_symmetry.space_group_name_H-M   'C 2 2 21'
#
loop_
_entity.id
_entity.type
_entity.pdbx_description
1 polymer '14-3-3 protein sigma'
2 polymer 'Estrogen receptor'
3 non-polymer 'MAGNESIUM ION'
4 non-polymer 2-chloranyl-~{N}-[[1-(1-phenoxycyclopentyl)carbonylpiperidin-4-yl]methyl]ethanamide
5 water water
#
loop_
_entity_poly.entity_id
_entity_poly.type
_entity_poly.pdbx_seq_one_letter_code
_entity_poly.pdbx_strand_id
1 'polypeptide(L)'
;GAMGSMERASLIQKAKLAEQAERYEDMAAFMKGAVEKGEELSCEERNLLSVAYKNVVGGQRAAWRVLSSIEQKSNEEGSE
EKGPEVREYREKVETELQGVCDTVLGLLDSHLIKEAGDAESRVFYLKMKGDYYRYLAEVATGDDKKRIIDSARSAYQEAM
DISKKEMPPTNPIRLGLALNFSVFHYEIANSPEEAISLAKTTFDEAMADLHTLSEDSYKDSTLIMQLLRDNLTLWT
;
A
2 'polypeptide(L)' FPA(TPO)V B
#
loop_
_chem_comp.id
_chem_comp.type
_chem_comp.name
_chem_comp.formula
MG non-polymer 'MAGNESIUM ION' 'Mg 2'
O4R non-polymer 2-chloranyl-~{N}-[[1-(1-phenoxycyclopentyl)carbonylpiperidin-4-yl]methyl]ethanamide 'C20 H27 Cl N2 O3'
#
# COMPACT_ATOMS: atom_id res chain seq x y z
N GLY A 1 -18.99 8.27 -13.08
CA GLY A 1 -17.59 8.24 -13.64
C GLY A 1 -17.51 7.54 -14.99
N ALA A 2 -16.30 7.52 -15.56
CA ALA A 2 -16.04 6.94 -16.88
C ALA A 2 -16.44 5.46 -17.00
N MET A 3 -16.45 4.76 -15.87
CA MET A 3 -16.82 3.34 -15.80
C MET A 3 -18.23 3.12 -15.25
N GLY A 4 -18.96 4.22 -15.02
CA GLY A 4 -20.26 4.19 -14.38
C GLY A 4 -21.33 3.38 -15.10
N SER A 5 -21.19 3.24 -16.42
CA SER A 5 -22.16 2.50 -17.23
C SER A 5 -21.95 0.98 -17.28
N MET A 6 -20.83 0.49 -16.75
CA MET A 6 -20.48 -0.92 -16.81
C MET A 6 -20.98 -1.63 -15.56
N GLU A 7 -21.50 -2.86 -15.73
CA GLU A 7 -21.92 -3.70 -14.63
C GLU A 7 -20.77 -3.93 -13.67
N ARG A 8 -21.10 -3.98 -12.39
CA ARG A 8 -20.11 -4.21 -11.29
C ARG A 8 -19.33 -5.49 -11.55
N ALA A 9 -20.02 -6.62 -11.79
CA ALA A 9 -19.35 -7.90 -12.05
C ALA A 9 -18.41 -7.84 -13.27
N SER A 10 -18.83 -7.12 -14.31
CA SER A 10 -18.03 -6.93 -15.52
C SER A 10 -16.75 -6.14 -15.27
N LEU A 11 -16.85 -5.10 -14.42
CA LEU A 11 -15.70 -4.31 -14.02
C LEU A 11 -14.66 -5.19 -13.33
N ILE A 12 -15.12 -6.06 -12.42
CA ILE A 12 -14.26 -6.97 -11.69
C ILE A 12 -13.62 -7.99 -12.62
N GLN A 13 -14.43 -8.60 -13.50
CA GLN A 13 -13.94 -9.51 -14.52
C GLN A 13 -12.85 -8.85 -15.41
N LYS A 14 -13.09 -7.61 -15.81
CA LYS A 14 -12.17 -6.88 -16.67
C LYS A 14 -10.90 -6.48 -15.92
N ALA A 15 -11.02 -6.20 -14.62
CA ALA A 15 -9.85 -5.97 -13.78
C ALA A 15 -8.95 -7.22 -13.75
N LYS A 16 -9.56 -8.40 -13.60
CA LYS A 16 -8.81 -9.66 -13.63
C LYS A 16 -8.12 -9.90 -14.99
N LEU A 17 -8.80 -9.55 -16.08
CA LEU A 17 -8.24 -9.66 -17.44
C LEU A 17 -7.04 -8.70 -17.62
N ALA A 18 -7.24 -7.46 -17.18
CA ALA A 18 -6.21 -6.42 -17.20
C ALA A 18 -4.96 -6.86 -16.42
N GLU A 19 -5.17 -7.54 -15.28
CA GLU A 19 -4.06 -8.06 -14.48
C GLU A 19 -3.26 -9.10 -15.29
N GLN A 20 -3.96 -10.02 -15.95
CA GLN A 20 -3.35 -11.03 -16.80
C GLN A 20 -2.56 -10.42 -17.96
N ALA A 21 -3.06 -9.30 -18.50
CA ALA A 21 -2.40 -8.55 -19.60
C ALA A 21 -1.36 -7.52 -19.13
N GLU A 22 -1.14 -7.42 -17.81
CA GLU A 22 -0.27 -6.45 -17.16
C GLU A 22 -0.59 -5.02 -17.57
N ARG A 23 -1.89 -4.75 -17.78
CA ARG A 23 -2.45 -3.42 -18.08
C ARG A 23 -2.94 -2.82 -16.75
N TYR A 24 -2.02 -2.34 -15.93
CA TYR A 24 -2.33 -1.95 -14.52
C TYR A 24 -3.10 -0.63 -14.50
N GLU A 25 -2.89 0.27 -15.46
CA GLU A 25 -3.69 1.50 -15.49
C GLU A 25 -5.16 1.18 -15.76
N ASP A 26 -5.41 0.26 -16.69
CA ASP A 26 -6.76 -0.22 -16.99
C ASP A 26 -7.38 -0.89 -15.75
N MET A 27 -6.60 -1.76 -15.11
CA MET A 27 -7.02 -2.49 -13.93
C MET A 27 -7.47 -1.53 -12.83
N ALA A 28 -6.69 -0.47 -12.60
CA ALA A 28 -7.02 0.56 -11.61
C ALA A 28 -8.34 1.26 -11.94
N ALA A 29 -8.52 1.61 -13.22
CA ALA A 29 -9.73 2.29 -13.68
C ALA A 29 -10.96 1.40 -13.45
N PHE A 30 -10.83 0.12 -13.77
CA PHE A 30 -11.93 -0.83 -13.60
C PHE A 30 -12.30 -0.97 -12.11
N MET A 31 -11.28 -1.05 -11.25
CA MET A 31 -11.46 -1.19 -9.82
C MET A 31 -12.00 0.10 -9.15
N LYS A 32 -11.54 1.26 -9.64
CA LYS A 32 -12.14 2.55 -9.25
C LYS A 32 -13.64 2.52 -9.55
N GLY A 33 -13.98 2.15 -10.80
CA GLY A 33 -15.36 1.97 -11.22
C GLY A 33 -16.17 1.09 -10.29
N ALA A 34 -15.58 -0.04 -9.90
CA ALA A 34 -16.21 -1.02 -9.02
C ALA A 34 -16.48 -0.45 -7.64
N VAL A 35 -15.49 0.25 -7.07
CA VAL A 35 -15.66 0.92 -5.79
C VAL A 35 -16.81 1.91 -5.88
N GLU A 36 -16.86 2.66 -6.97
CA GLU A 36 -17.82 3.74 -7.14
C GLU A 36 -19.27 3.27 -7.37
N LYS A 37 -19.47 1.95 -7.46
CA LYS A 37 -20.81 1.35 -7.45
C LYS A 37 -21.49 1.42 -6.09
N GLY A 38 -20.70 1.65 -5.03
CA GLY A 38 -21.20 1.96 -3.73
C GLY A 38 -21.34 0.79 -2.75
N GLU A 39 -21.11 -0.43 -3.25
CA GLU A 39 -21.16 -1.63 -2.42
C GLU A 39 -19.80 -1.84 -1.74
N GLU A 40 -19.81 -2.54 -0.62
CA GLU A 40 -18.58 -2.92 0.06
C GLU A 40 -17.83 -3.92 -0.84
N LEU A 41 -16.50 -3.91 -0.77
CA LEU A 41 -15.64 -4.83 -1.53
C LEU A 41 -15.41 -6.12 -0.73
N SER A 42 -15.29 -7.24 -1.44
CA SER A 42 -14.86 -8.52 -0.87
C SER A 42 -13.33 -8.58 -0.68
N CYS A 43 -12.84 -9.65 -0.03
CA CYS A 43 -11.42 -9.86 0.14
C CYS A 43 -10.68 -9.90 -1.22
N GLU A 44 -11.25 -10.63 -2.19
CA GLU A 44 -10.67 -10.76 -3.53
C GLU A 44 -10.68 -9.41 -4.23
N GLU A 45 -11.77 -8.67 -4.06
CA GLU A 45 -11.92 -7.36 -4.68
C GLU A 45 -10.93 -6.33 -4.11
N ARG A 46 -10.66 -6.41 -2.80
CA ARG A 46 -9.65 -5.55 -2.12
C ARG A 46 -8.25 -5.87 -2.66
N ASN A 47 -7.94 -7.16 -2.82
CA ASN A 47 -6.71 -7.57 -3.47
C ASN A 47 -6.54 -6.96 -4.88
N LEU A 48 -7.60 -7.05 -5.70
CA LEU A 48 -7.56 -6.49 -7.04
C LEU A 48 -7.35 -4.97 -7.05
N LEU A 49 -8.07 -4.27 -6.17
CA LEU A 49 -7.88 -2.82 -6.00
C LEU A 49 -6.42 -2.51 -5.66
N SER A 50 -5.90 -3.22 -4.65
CA SER A 50 -4.54 -3.01 -4.16
C SER A 50 -3.47 -3.30 -5.19
N VAL A 51 -3.59 -4.44 -5.88
CA VAL A 51 -2.64 -4.83 -6.93
C VAL A 51 -2.59 -3.78 -8.04
N ALA A 52 -3.78 -3.31 -8.45
CA ALA A 52 -3.86 -2.36 -9.55
C ALA A 52 -3.11 -1.05 -9.23
N TYR A 53 -3.49 -0.38 -8.14
CA TYR A 53 -2.90 0.93 -7.74
C TYR A 53 -1.45 0.76 -7.28
N LYS A 54 -1.09 -0.35 -6.62
CA LYS A 54 0.28 -0.57 -6.19
C LYS A 54 1.23 -0.66 -7.39
N ASN A 55 0.75 -1.31 -8.46
CA ASN A 55 1.52 -1.39 -9.70
C ASN A 55 1.62 -0.07 -10.45
N VAL A 56 0.53 0.70 -10.48
CA VAL A 56 0.57 2.00 -11.15
C VAL A 56 1.54 2.92 -10.40
N VAL A 57 1.35 3.02 -9.08
CA VAL A 57 2.16 3.92 -8.26
C VAL A 57 3.61 3.43 -8.16
N GLY A 58 3.79 2.11 -8.17
CA GLY A 58 5.11 1.49 -8.25
C GLY A 58 5.91 1.99 -9.44
N GLY A 59 5.29 1.97 -10.63
CA GLY A 59 5.89 2.45 -11.86
C GLY A 59 6.25 3.92 -11.80
N GLN A 60 5.33 4.73 -11.26
CA GLN A 60 5.55 6.15 -11.04
C GLN A 60 6.72 6.41 -10.10
N ARG A 61 6.78 5.68 -8.98
CA ARG A 61 7.86 5.84 -7.96
C ARG A 61 9.20 5.45 -8.59
N ALA A 62 9.24 4.36 -9.37
CA ALA A 62 10.45 3.93 -10.05
C ALA A 62 10.92 5.01 -11.02
N ALA A 63 9.99 5.55 -11.82
CA ALA A 63 10.30 6.60 -12.79
C ALA A 63 10.82 7.88 -12.10
N TRP A 64 10.13 8.29 -11.03
CA TRP A 64 10.48 9.46 -10.25
C TRP A 64 11.89 9.35 -9.65
N ARG A 65 12.23 8.17 -9.13
CA ARG A 65 13.57 7.89 -8.54
C ARG A 65 14.64 8.00 -9.62
N VAL A 66 14.37 7.44 -10.81
CA VAL A 66 15.30 7.55 -11.95
C VAL A 66 15.52 9.02 -12.28
N LEU A 67 14.44 9.78 -12.43
CA LEU A 67 14.52 11.17 -12.83
C LEU A 67 15.20 12.05 -11.78
N SER A 68 14.88 11.80 -10.50
CA SER A 68 15.48 12.52 -9.38
C SER A 68 16.98 12.29 -9.30
N SER A 69 17.39 11.06 -9.61
CA SER A 69 18.79 10.65 -9.64
C SER A 69 19.54 11.40 -10.74
N ILE A 70 18.92 11.50 -11.92
CA ILE A 70 19.46 12.24 -13.04
C ILE A 70 19.51 13.74 -12.69
N GLU A 71 18.47 14.24 -12.03
CA GLU A 71 18.41 15.63 -11.58
C GLU A 71 19.53 15.95 -10.59
N GLN A 72 19.74 15.04 -9.63
CA GLN A 72 20.79 15.17 -8.61
C GLN A 72 22.19 15.23 -9.24
N LYS A 73 22.47 14.25 -10.11
CA LYS A 73 23.75 14.15 -10.80
C LYS A 73 24.01 15.30 -11.78
N SER A 74 22.92 15.91 -12.28
CA SER A 74 22.97 17.08 -13.15
C SER A 74 23.14 18.39 -12.37
N ASN A 75 23.35 18.29 -11.05
CA ASN A 75 23.65 19.43 -10.18
C ASN A 75 25.00 19.27 -9.50
N GLY A 83 19.74 22.51 -18.42
CA GLY A 83 18.45 23.15 -18.63
C GLY A 83 17.39 22.65 -17.65
N PRO A 84 16.14 23.16 -17.74
CA PRO A 84 15.08 22.81 -16.78
C PRO A 84 14.25 21.56 -17.12
N GLU A 85 14.64 20.81 -18.16
CA GLU A 85 13.83 19.70 -18.66
C GLU A 85 13.71 18.53 -17.65
N VAL A 86 14.83 18.20 -16.99
CA VAL A 86 14.84 17.11 -16.01
C VAL A 86 13.92 17.42 -14.82
N ARG A 87 14.06 18.62 -14.25
CA ARG A 87 13.23 19.10 -13.12
C ARG A 87 11.76 19.16 -13.55
N GLU A 88 11.49 19.70 -14.75
CA GLU A 88 10.14 19.80 -15.28
C GLU A 88 9.46 18.45 -15.42
N TYR A 89 10.17 17.49 -16.02
CA TYR A 89 9.65 16.12 -16.29
C TYR A 89 9.47 15.38 -14.97
N ARG A 90 10.43 15.52 -14.04
CA ARG A 90 10.36 14.93 -12.68
C ARG A 90 9.11 15.48 -11.96
N GLU A 91 8.84 16.77 -12.10
CA GLU A 91 7.66 17.42 -11.50
C GLU A 91 6.32 16.95 -12.09
N LYS A 92 6.30 16.69 -13.40
CA LYS A 92 5.13 16.13 -14.08
C LYS A 92 4.81 14.72 -13.55
N VAL A 93 5.84 13.86 -13.51
CA VAL A 93 5.71 12.51 -12.96
C VAL A 93 5.25 12.58 -11.51
N GLU A 94 5.86 13.50 -10.75
CA GLU A 94 5.50 13.78 -9.36
C GLU A 94 4.03 14.14 -9.21
N THR A 95 3.56 15.05 -10.06
CA THR A 95 2.17 15.49 -10.03
C THR A 95 1.19 14.36 -10.38
N GLU A 96 1.59 13.52 -11.35
CA GLU A 96 0.80 12.36 -11.75
C GLU A 96 0.70 11.36 -10.58
N LEU A 97 1.82 11.15 -9.90
CA LEU A 97 1.89 10.25 -8.75
C LEU A 97 1.00 10.79 -7.63
N GLN A 98 1.14 12.09 -7.36
CA GLN A 98 0.29 12.78 -6.39
C GLN A 98 -1.20 12.63 -6.69
N GLY A 99 -1.57 12.78 -7.97
CA GLY A 99 -2.92 12.59 -8.45
C GLY A 99 -3.47 11.19 -8.22
N VAL A 100 -2.62 10.17 -8.44
CA VAL A 100 -3.02 8.78 -8.22
C VAL A 100 -3.28 8.55 -6.72
N CYS A 101 -2.36 9.01 -5.87
CA CYS A 101 -2.49 8.89 -4.41
C CYS A 101 -3.76 9.58 -3.90
N ASP A 102 -4.03 10.77 -4.46
CA ASP A 102 -5.23 11.54 -4.12
C ASP A 102 -6.50 10.78 -4.49
N THR A 103 -6.48 10.12 -5.66
CA THR A 103 -7.58 9.29 -6.11
C THR A 103 -7.86 8.12 -5.16
N VAL A 104 -6.79 7.45 -4.73
CA VAL A 104 -6.90 6.30 -3.83
C VAL A 104 -7.45 6.77 -2.48
N LEU A 105 -6.89 7.85 -1.95
CA LEU A 105 -7.33 8.42 -0.67
C LEU A 105 -8.78 8.85 -0.74
N GLY A 106 -9.17 9.40 -1.89
CA GLY A 106 -10.55 9.73 -2.20
C GLY A 106 -11.48 8.53 -2.16
N LEU A 107 -11.08 7.43 -2.79
CA LEU A 107 -11.87 6.19 -2.75
C LEU A 107 -12.04 5.72 -1.32
N LEU A 108 -10.97 5.82 -0.52
CA LEU A 108 -11.00 5.40 0.86
C LEU A 108 -11.99 6.29 1.65
N ASP A 109 -12.06 7.57 1.26
CA ASP A 109 -12.93 8.57 1.87
C ASP A 109 -14.39 8.51 1.39
N SER A 110 -14.63 7.82 0.26
CA SER A 110 -15.90 7.89 -0.48
C SER A 110 -16.33 6.57 -1.12
N HIS A 111 -16.66 5.55 -0.32
CA HIS A 111 -16.82 5.64 1.13
C HIS A 111 -16.31 4.36 1.84
N LEU A 112 -15.15 3.86 1.41
CA LEU A 112 -14.66 2.54 1.86
C LEU A 112 -14.46 2.41 3.39
N ILE A 113 -13.64 3.29 3.98
CA ILE A 113 -13.30 3.18 5.40
C ILE A 113 -14.52 3.33 6.30
N LYS A 114 -15.38 4.32 5.99
CA LYS A 114 -16.53 4.62 6.86
C LYS A 114 -17.53 3.46 6.93
N GLU A 115 -17.61 2.66 5.86
CA GLU A 115 -18.49 1.48 5.84
C GLU A 115 -17.78 0.18 6.27
N ALA A 116 -16.46 0.21 6.43
CA ALA A 116 -15.68 -0.96 6.84
C ALA A 116 -15.86 -1.20 8.35
N GLY A 117 -16.71 -2.17 8.69
CA GLY A 117 -17.01 -2.55 10.07
C GLY A 117 -16.25 -3.74 10.61
N ASP A 118 -15.79 -4.65 9.73
CA ASP A 118 -15.01 -5.82 10.15
C ASP A 118 -13.54 -5.47 10.24
N ALA A 119 -12.83 -6.21 11.11
CA ALA A 119 -11.41 -6.02 11.33
C ALA A 119 -10.59 -6.05 10.05
N GLU A 120 -10.83 -7.06 9.21
CA GLU A 120 -10.06 -7.29 7.99
C GLU A 120 -10.22 -6.16 6.97
N SER A 121 -11.47 -5.75 6.71
CA SER A 121 -11.74 -4.67 5.79
C SER A 121 -11.14 -3.35 6.30
N ARG A 122 -11.44 -3.00 7.56
CA ARG A 122 -10.99 -1.72 8.18
C ARG A 122 -9.46 -1.67 8.23
N VAL A 123 -8.79 -2.76 8.64
CA VAL A 123 -7.33 -2.76 8.70
C VAL A 123 -6.70 -2.62 7.31
N PHE A 124 -7.22 -3.39 6.34
CA PHE A 124 -6.76 -3.29 4.96
C PHE A 124 -6.82 -1.85 4.45
N TYR A 125 -7.96 -1.17 4.64
CA TYR A 125 -8.18 0.20 4.13
C TYR A 125 -7.29 1.19 4.89
N LEU A 126 -7.18 1.05 6.22
CA LEU A 126 -6.30 1.91 7.00
C LEU A 126 -4.84 1.71 6.62
N LYS A 127 -4.44 0.46 6.35
CA LYS A 127 -3.12 0.15 5.80
C LYS A 127 -2.90 0.88 4.48
N MET A 128 -3.88 0.79 3.57
CA MET A 128 -3.84 1.50 2.30
C MET A 128 -3.68 3.02 2.47
N LYS A 129 -4.46 3.60 3.41
CA LYS A 129 -4.33 5.02 3.73
C LYS A 129 -2.89 5.35 4.10
N GLY A 130 -2.27 4.48 4.91
CA GLY A 130 -0.92 4.68 5.36
C GLY A 130 0.05 4.64 4.20
N ASP A 131 -0.15 3.68 3.29
CA ASP A 131 0.73 3.43 2.15
C ASP A 131 0.74 4.64 1.20
N TYR A 132 -0.43 5.20 0.90
CA TYR A 132 -0.56 6.27 -0.13
C TYR A 132 -0.11 7.62 0.45
N TYR A 133 -0.21 7.82 1.77
CA TYR A 133 0.45 8.98 2.45
C TYR A 133 1.97 8.76 2.45
N ARG A 134 2.43 7.54 2.69
CA ARG A 134 3.87 7.20 2.59
C ARG A 134 4.40 7.57 1.20
N TYR A 135 3.69 7.22 0.12
CA TYR A 135 4.13 7.55 -1.26
C TYR A 135 4.13 9.07 -1.44
N LEU A 136 3.09 9.76 -0.95
CA LEU A 136 3.08 11.24 -0.96
C LEU A 136 4.28 11.81 -0.21
N ALA A 137 4.62 11.20 0.94
CA ALA A 137 5.77 11.63 1.73
C ALA A 137 7.11 11.51 1.00
N GLU A 138 7.26 10.46 0.17
CA GLU A 138 8.50 10.23 -0.58
C GLU A 138 8.86 11.42 -1.49
N VAL A 139 7.83 12.12 -2.00
CA VAL A 139 8.01 13.23 -2.94
C VAL A 139 7.69 14.64 -2.38
N ALA A 140 7.23 14.71 -1.12
CA ALA A 140 6.88 15.97 -0.48
C ALA A 140 8.11 16.66 0.14
N THR A 141 7.93 17.94 0.49
CA THR A 141 8.95 18.73 1.18
C THR A 141 8.36 19.65 2.24
N GLY A 142 9.23 20.14 3.13
CA GLY A 142 8.88 21.15 4.12
C GLY A 142 7.82 20.70 5.11
N ASP A 143 6.93 21.64 5.45
CA ASP A 143 5.87 21.42 6.44
C ASP A 143 4.83 20.43 5.92
N ASP A 144 4.54 20.47 4.62
CA ASP A 144 3.64 19.52 3.99
C ASP A 144 4.12 18.09 4.24
N LYS A 145 5.42 17.86 4.05
CA LYS A 145 6.01 16.55 4.26
C LYS A 145 5.81 16.06 5.69
N LYS A 146 6.02 16.94 6.67
CA LYS A 146 5.89 16.57 8.08
C LYS A 146 4.46 16.13 8.41
N ARG A 147 3.51 16.90 7.90
CA ARG A 147 2.06 16.62 8.09
C ARG A 147 1.67 15.33 7.36
N ILE A 148 2.22 15.12 6.15
CA ILE A 148 1.90 13.91 5.39
C ILE A 148 2.43 12.68 6.13
N ILE A 149 3.68 12.78 6.60
CA ILE A 149 4.33 11.71 7.36
C ILE A 149 3.51 11.34 8.60
N ASP A 150 3.07 12.36 9.35
CA ASP A 150 2.30 12.13 10.55
C ASP A 150 0.91 11.51 10.26
N SER A 151 0.29 11.93 9.15
CA SER A 151 -0.96 11.32 8.66
C SER A 151 -0.77 9.82 8.35
N ALA A 152 0.29 9.48 7.63
CA ALA A 152 0.64 8.09 7.36
C ALA A 152 0.75 7.34 8.67
N ARG A 153 1.53 7.89 9.61
CA ARG A 153 1.81 7.26 10.93
C ARG A 153 0.49 7.03 11.67
N SER A 154 -0.39 8.03 11.69
CA SER A 154 -1.67 7.92 12.36
C SER A 154 -2.53 6.76 11.80
N ALA A 155 -2.60 6.66 10.47
CA ALA A 155 -3.38 5.63 9.79
C ALA A 155 -2.81 4.25 10.09
N TYR A 156 -1.50 4.08 9.93
CA TYR A 156 -0.79 2.82 10.24
C TYR A 156 -1.04 2.43 11.71
N GLN A 157 -0.93 3.38 12.63
CA GLN A 157 -1.06 3.09 14.07
C GLN A 157 -2.45 2.60 14.43
N GLU A 158 -3.48 3.23 13.85
CA GLU A 158 -4.86 2.81 14.07
C GLU A 158 -5.10 1.42 13.51
N ALA A 159 -4.55 1.15 12.32
CA ALA A 159 -4.60 -0.17 11.71
C ALA A 159 -3.93 -1.22 12.63
N MET A 160 -2.76 -0.89 13.17
CA MET A 160 -2.02 -1.79 14.06
C MET A 160 -2.85 -2.11 15.32
N ASP A 161 -3.46 -1.07 15.90
CA ASP A 161 -4.26 -1.20 17.11
C ASP A 161 -5.43 -2.14 16.92
N ILE A 162 -6.17 -1.98 15.83
CA ILE A 162 -7.25 -2.88 15.46
C ILE A 162 -6.74 -4.29 15.19
N SER A 163 -5.63 -4.39 14.43
CA SER A 163 -5.09 -5.71 14.04
C SER A 163 -4.62 -6.53 15.25
N LYS A 164 -3.98 -5.87 16.20
CA LYS A 164 -3.47 -6.53 17.41
C LYS A 164 -4.60 -7.01 18.33
N LYS A 165 -5.72 -6.27 18.32
CA LYS A 165 -6.88 -6.64 19.12
C LYS A 165 -7.74 -7.73 18.49
N GLU A 166 -7.87 -7.72 17.15
CA GLU A 166 -8.93 -8.47 16.46
C GLU A 166 -8.51 -9.57 15.47
N MET A 167 -7.21 -9.64 15.17
CA MET A 167 -6.72 -10.57 14.16
C MET A 167 -5.58 -11.40 14.75
N PRO A 168 -5.45 -12.69 14.36
CA PRO A 168 -4.31 -13.49 14.78
C PRO A 168 -3.01 -12.96 14.15
N PRO A 169 -1.85 -13.17 14.79
CA PRO A 169 -0.58 -12.65 14.28
C PRO A 169 -0.10 -13.26 12.95
N THR A 170 -0.76 -14.31 12.44
CA THR A 170 -0.48 -14.86 11.13
C THR A 170 -1.35 -14.28 10.02
N ASN A 171 -2.34 -13.45 10.38
CA ASN A 171 -3.22 -12.88 9.37
C ASN A 171 -2.37 -12.12 8.34
N PRO A 172 -2.47 -12.45 7.04
CA PRO A 172 -1.65 -11.79 6.02
C PRO A 172 -1.84 -10.27 5.98
N ILE A 173 -3.06 -9.78 6.29
CA ILE A 173 -3.31 -8.34 6.32
C ILE A 173 -2.51 -7.71 7.48
N ARG A 174 -2.52 -8.36 8.65
CA ARG A 174 -1.73 -7.94 9.84
C ARG A 174 -0.25 -7.96 9.48
N LEU A 175 0.21 -9.06 8.87
CA LEU A 175 1.60 -9.20 8.48
C LEU A 175 2.02 -8.12 7.47
N GLY A 176 1.20 -7.94 6.43
CA GLY A 176 1.47 -6.95 5.40
C GLY A 176 1.56 -5.54 5.94
N LEU A 177 0.61 -5.21 6.82
CA LEU A 177 0.59 -3.95 7.54
C LEU A 177 1.89 -3.70 8.28
N ALA A 178 2.32 -4.69 9.06
CA ALA A 178 3.52 -4.55 9.87
C ALA A 178 4.76 -4.38 8.99
N LEU A 179 4.83 -5.17 7.91
CA LEU A 179 5.91 -5.05 6.93
C LEU A 179 6.04 -3.62 6.41
N ASN A 180 4.92 -3.06 5.97
CA ASN A 180 4.88 -1.73 5.38
C ASN A 180 5.13 -0.62 6.39
N PHE A 181 4.51 -0.73 7.56
CA PHE A 181 4.68 0.24 8.64
C PHE A 181 6.15 0.21 9.11
N SER A 182 6.75 -0.97 9.15
CA SER A 182 8.18 -1.10 9.44
C SER A 182 9.07 -0.34 8.43
N VAL A 183 8.73 -0.47 7.13
CA VAL A 183 9.42 0.26 6.07
C VAL A 183 9.22 1.77 6.23
N PHE A 184 7.99 2.17 6.56
CA PHE A 184 7.71 3.56 6.91
C PHE A 184 8.68 4.08 7.98
N HIS A 185 8.76 3.35 9.10
CA HIS A 185 9.64 3.76 10.21
C HIS A 185 11.07 3.99 9.75
N TYR A 186 11.60 3.04 8.96
CA TYR A 186 13.02 2.99 8.55
C TYR A 186 13.32 4.08 7.52
N GLU A 187 12.57 4.06 6.41
CA GLU A 187 12.87 4.88 5.25
C GLU A 187 12.29 6.30 5.33
N ILE A 188 11.18 6.46 6.04
CA ILE A 188 10.42 7.71 6.03
C ILE A 188 10.61 8.51 7.32
N ALA A 189 10.38 7.86 8.47
CA ALA A 189 10.41 8.54 9.77
C ALA A 189 11.81 8.54 10.41
N ASN A 190 12.77 7.89 9.75
CA ASN A 190 14.14 7.74 10.24
C ASN A 190 14.19 7.16 11.67
N SER A 191 13.39 6.11 11.88
CA SER A 191 13.31 5.39 13.15
C SER A 191 13.66 3.92 12.93
N PRO A 192 14.94 3.61 12.63
CA PRO A 192 15.35 2.25 12.28
C PRO A 192 15.17 1.25 13.44
N GLU A 193 15.25 1.71 14.70
CA GLU A 193 15.07 0.79 15.81
C GLU A 193 13.61 0.36 15.93
N GLU A 194 12.69 1.30 15.72
CA GLU A 194 11.26 0.99 15.68
C GLU A 194 10.96 0.07 14.50
N ALA A 195 11.58 0.34 13.34
CA ALA A 195 11.42 -0.49 12.14
C ALA A 195 11.81 -1.95 12.40
N ILE A 196 13.01 -2.13 12.98
CA ILE A 196 13.58 -3.45 13.29
C ILE A 196 12.73 -4.18 14.35
N SER A 197 12.38 -3.46 15.44
CA SER A 197 11.56 -4.02 16.50
C SER A 197 10.20 -4.53 15.98
N LEU A 198 9.53 -3.71 15.17
CA LEU A 198 8.24 -4.08 14.61
C LEU A 198 8.35 -5.33 13.73
N ALA A 199 9.35 -5.34 12.85
CA ALA A 199 9.53 -6.46 11.91
C ALA A 199 9.86 -7.77 12.65
N LYS A 200 10.75 -7.69 13.65
CA LYS A 200 11.20 -8.85 14.43
C LYS A 200 10.06 -9.43 15.24
N THR A 201 9.33 -8.56 15.96
CA THR A 201 8.24 -8.99 16.84
C THR A 201 7.10 -9.60 16.05
N THR A 202 6.77 -8.98 14.90
CA THR A 202 5.76 -9.49 13.97
C THR A 202 6.12 -10.91 13.49
N PHE A 203 7.38 -11.09 13.07
CA PHE A 203 7.88 -12.37 12.60
C PHE A 203 7.76 -13.41 13.72
N ASP A 204 8.22 -13.05 14.92
CA ASP A 204 8.26 -13.97 16.05
C ASP A 204 6.87 -14.40 16.54
N GLU A 205 5.92 -13.47 16.63
CA GLU A 205 4.55 -13.78 17.00
C GLU A 205 3.84 -14.66 15.96
N ALA A 206 4.08 -14.38 14.67
CA ALA A 206 3.50 -15.18 13.58
C ALA A 206 4.02 -16.62 13.62
N MET A 207 5.34 -16.78 13.81
CA MET A 207 6.00 -18.09 13.84
C MET A 207 5.26 -19.06 14.78
N ALA A 208 4.96 -18.56 15.97
CA ALA A 208 4.34 -19.32 17.05
C ALA A 208 2.89 -19.73 16.77
N ASP A 209 2.24 -19.04 15.81
CA ASP A 209 0.86 -19.33 15.44
C ASP A 209 0.72 -20.13 14.13
N LEU A 210 1.83 -20.41 13.46
CA LEU A 210 1.81 -21.13 12.18
C LEU A 210 1.15 -22.50 12.25
N HIS A 211 1.26 -23.14 13.42
CA HIS A 211 0.77 -24.50 13.59
C HIS A 211 -0.76 -24.62 13.46
N THR A 212 -1.48 -23.49 13.53
CA THR A 212 -2.93 -23.46 13.38
C THR A 212 -3.45 -23.32 11.93
N LEU A 213 -2.52 -23.19 10.97
CA LEU A 213 -2.87 -22.86 9.59
C LEU A 213 -2.88 -24.08 8.68
N SER A 214 -3.84 -24.08 7.74
CA SER A 214 -3.85 -24.99 6.59
C SER A 214 -2.63 -24.72 5.71
N GLU A 215 -2.35 -25.64 4.78
CA GLU A 215 -1.21 -25.50 3.87
C GLU A 215 -1.24 -24.19 3.07
N ASP A 216 -2.43 -23.81 2.57
CA ASP A 216 -2.59 -22.62 1.75
C ASP A 216 -2.33 -21.33 2.53
N SER A 217 -2.91 -21.23 3.72
CA SER A 217 -2.70 -20.09 4.63
C SER A 217 -1.25 -20.02 5.11
N TYR A 218 -0.66 -21.18 5.37
CA TYR A 218 0.77 -21.33 5.77
C TYR A 218 1.65 -20.68 4.69
N LYS A 219 1.33 -20.91 3.41
CA LYS A 219 2.09 -20.36 2.29
C LYS A 219 1.97 -18.83 2.20
N ASP A 220 0.74 -18.32 2.34
CA ASP A 220 0.48 -16.87 2.36
C ASP A 220 1.26 -16.18 3.48
N SER A 221 1.21 -16.76 4.68
CA SER A 221 1.81 -16.15 5.85
C SER A 221 3.34 -16.20 5.81
N THR A 222 3.90 -17.35 5.42
CA THR A 222 5.36 -17.52 5.40
C THR A 222 6.03 -16.68 4.29
N LEU A 223 5.31 -16.45 3.19
CA LEU A 223 5.75 -15.53 2.13
C LEU A 223 6.04 -14.14 2.68
N ILE A 224 5.06 -13.58 3.38
CA ILE A 224 5.21 -12.25 3.98
C ILE A 224 6.27 -12.23 5.09
N MET A 225 6.35 -13.32 5.87
CA MET A 225 7.40 -13.47 6.86
C MET A 225 8.81 -13.46 6.24
N GLN A 226 8.95 -14.08 5.06
CA GLN A 226 10.21 -14.03 4.30
C GLN A 226 10.59 -12.58 3.94
N LEU A 227 9.59 -11.77 3.56
CA LEU A 227 9.81 -10.37 3.25
C LEU A 227 10.27 -9.57 4.48
N LEU A 228 9.71 -9.89 5.65
CA LEU A 228 10.15 -9.31 6.93
C LEU A 228 11.61 -9.62 7.20
N ARG A 229 11.99 -10.89 7.02
CA ARG A 229 13.39 -11.39 7.14
C ARG A 229 14.28 -10.68 6.12
N ASP A 230 13.82 -10.57 4.86
CA ASP A 230 14.60 -9.92 3.82
C ASP A 230 14.95 -8.50 4.23
N ASN A 231 13.94 -7.74 4.68
CA ASN A 231 14.15 -6.37 5.14
C ASN A 231 15.08 -6.29 6.36
N LEU A 232 14.89 -7.20 7.30
CA LEU A 232 15.74 -7.27 8.50
C LEU A 232 17.20 -7.53 8.13
N THR A 233 17.41 -8.33 7.09
CA THR A 233 18.74 -8.64 6.56
C THR A 233 19.40 -7.38 6.01
N LEU A 234 18.62 -6.57 5.29
CA LEU A 234 19.11 -5.28 4.78
C LEU A 234 19.47 -4.30 5.90
N TRP A 235 18.67 -4.31 6.98
CA TRP A 235 18.77 -3.29 8.02
C TRP A 235 19.76 -3.59 9.13
N THR A 236 20.08 -4.88 9.33
CA THR A 236 20.96 -5.32 10.42
C THR A 236 22.17 -6.08 9.87
N PHE B 1 16.21 -1.73 -2.07
CA PHE B 1 14.88 -1.06 -1.88
C PHE B 1 13.89 -2.03 -1.22
N PRO B 2 13.46 -1.76 0.03
CA PRO B 2 12.90 -2.80 0.89
C PRO B 2 11.51 -3.31 0.45
N ALA B 3 11.18 -4.54 0.85
CA ALA B 3 9.93 -5.18 0.47
C ALA B 3 8.73 -4.55 1.16
N TPO B 4 7.70 -4.24 0.37
CA TPO B 4 6.33 -3.85 0.84
CB TPO B 4 6.10 -2.34 0.75
CG2 TPO B 4 6.99 -1.52 1.67
OG1 TPO B 4 6.38 -1.94 -0.64
P TPO B 4 5.90 -0.53 -1.24
O1P TPO B 4 5.86 -0.76 -2.73
O2P TPO B 4 6.96 0.49 -0.86
O3P TPO B 4 4.56 -0.24 -0.64
C TPO B 4 5.29 -4.62 0.02
O TPO B 4 5.64 -5.10 -1.08
N VAL B 5 4.07 -4.74 0.54
CA VAL B 5 2.99 -5.49 -0.11
C VAL B 5 1.73 -4.68 -0.15
MG MG C . 5.66 0.47 18.96
MG MG D . 6.03 19.11 -6.66
C1 O4R E . -8.98 -9.78 2.71
C2 O4R E . -9.86 -10.82 3.38
C3 O4R E . -6.95 -9.36 1.39
C4 O4R E . -5.82 -10.16 0.76
C5 O4R E . -4.86 -9.31 -0.08
C6 O4R E . -3.80 -10.18 -0.74
C10 O4R E . -1.85 -6.94 0.37
C13 O4R E . -1.43 -7.85 2.95
O1 O4R E . -9.32 -8.58 2.73
N1 O4R E . -7.89 -10.22 2.10
N2 O4R E . -3.06 -11.00 0.23
C7 O4R E . -1.72 -11.14 0.37
O2 O4R E . -1.21 -11.88 1.20
C8 O4R E . -0.76 -10.36 -0.55
O3 O4R E . -0.98 -8.92 -0.54
C9 O4R E . -1.31 -8.19 0.59
C11 O4R E . -2.19 -6.15 1.46
C12 O4R E . -1.99 -6.60 2.74
C14 O4R E . -1.08 -8.66 1.87
C15 O4R E . -0.85 -10.89 -2.00
C16 O4R E . 0.57 -11.00 -2.54
C17 O4R E . 1.49 -10.45 -1.46
C18 O4R E . 0.71 -10.65 -0.18
C19 O4R E . -3.95 -11.77 1.12
C20 O4R E . -4.97 -10.87 1.80
#